data_7KVT
#
_entry.id   7KVT
#
_cell.length_a   103.900
_cell.length_b   103.900
_cell.length_c   51.699
_cell.angle_alpha   90.00
_cell.angle_beta   90.00
_cell.angle_gamma   90.00
#
_symmetry.space_group_name_H-M   'P 42 21 2'
#
loop_
_entity.id
_entity.type
_entity.pdbx_description
1 polymer 'Squash RNA aptamer bound to DFHBI-1T with iridium (III) ions'
2 non-polymer (5Z)-5-(3,5-difluoro-4-hydroxybenzylidene)-2-methyl-3-(2,2,2-trifluoroethyl)-3,5-dihydro-4H-imidazol-4-one
3 non-polymer 'IRIDIUM HEXAMMINE ION'
4 non-polymer 'MAGNESIUM ION'
5 water water
#
_entity_poly.entity_id   1
_entity_poly.type   'polyribonucleotide'
_entity_poly.pdbx_seq_one_letter_code
;(GTP)GGAAGAUACAAGGUGAGCCCAAUAAUAUGGUUUGGGUUAGGAUAGGAAGUAGAGCCUUAAACUCUCUAAGCGGUA
UCUUCCC
;
_entity_poly.pdbx_strand_id   B
#